data_5EHS
#
_entry.id   5EHS
#
_cell.length_a   54.700
_cell.length_b   54.700
_cell.length_c   147.897
_cell.angle_alpha   90.00
_cell.angle_beta   90.00
_cell.angle_gamma   120.00
#
_symmetry.space_group_name_H-M   'P 31'
#
loop_
_entity.id
_entity.type
_entity.pdbx_description
1 polymer RE06730p,GH17276
2 non-polymer 5-phosphono-D-norvaline
3 non-polymer 5-phosphono-L-norvaline
4 water water
#
_entity_poly.entity_id   1
_entity_poly.type   'polypeptide(L)'
_entity_poly.pdbx_seq_one_letter_code
;GSANLKNKTLVVTTILSNPYCMRKESAIPLSGNDQFEGYAVDLIHEISKSLGFNYKIQLVPDGSYGSLNKLTGEWNGMIR
ELLEQRADLAIADLTITFEREQAVDFTTPFMNLGVSILYRKGTPIESAEDLAKQTRIKYGALKGGSTAAFFRDSKISTYQ
RMWSFMESARPSVFTASNGEGVERVAKGKGSYAFLMESTSIEYVTERNCELTQVGGMLDTKSYGIATPPNSPYRTAINSV
ILKLQEEGKLHILKTKWWKEKRGGGKCR
;
_entity_poly.pdbx_strand_id   A,B
#
# COMPACT_ATOMS: atom_id res chain seq x y z
N LEU A 5 10.82 -20.01 18.11
CA LEU A 5 9.77 -20.59 17.29
C LEU A 5 10.16 -21.98 16.78
N LYS A 6 11.46 -22.25 16.73
CA LYS A 6 11.95 -23.54 16.23
C LYS A 6 11.43 -24.68 17.10
N ASN A 7 10.59 -25.53 16.52
CA ASN A 7 10.08 -26.79 17.09
C ASN A 7 8.74 -26.63 17.80
N LYS A 8 8.15 -25.44 17.85
CA LYS A 8 6.81 -25.28 18.40
C LYS A 8 5.75 -25.55 17.32
N THR A 9 4.48 -25.60 17.75
CA THR A 9 3.34 -25.81 16.87
C THR A 9 2.30 -24.72 17.13
N LEU A 10 2.03 -23.89 16.13
CA LEU A 10 1.20 -22.72 16.28
C LEU A 10 -0.18 -23.00 15.70
N VAL A 11 -1.23 -22.39 16.25
CA VAL A 11 -2.54 -22.41 15.61
C VAL A 11 -2.71 -21.13 14.82
N VAL A 12 -3.08 -21.28 13.55
CA VAL A 12 -3.37 -20.16 12.66
C VAL A 12 -4.85 -20.09 12.42
N THR A 13 -5.45 -18.97 12.80
CA THR A 13 -6.83 -18.73 12.43
C THR A 13 -6.93 -17.99 11.10
N THR A 14 -7.89 -18.41 10.28
CA THR A 14 -8.12 -17.84 8.96
C THR A 14 -9.61 -17.98 8.65
N ILE A 15 -9.97 -17.57 7.44
CA ILE A 15 -11.36 -17.58 6.99
C ILE A 15 -11.38 -17.84 5.49
N LEU A 16 -12.39 -18.58 5.02
CA LEU A 16 -12.53 -18.79 3.58
C LEU A 16 -12.83 -17.47 2.89
N SER A 17 -11.98 -17.12 1.93
CA SER A 17 -12.10 -15.89 1.12
C SER A 17 -11.24 -16.05 -0.13
N ASN A 18 -11.82 -15.89 -1.33
CA ASN A 18 -11.02 -16.12 -2.54
C ASN A 18 -10.10 -14.93 -2.83
N PRO A 19 -8.84 -15.16 -3.23
CA PRO A 19 -8.06 -16.40 -3.35
C PRO A 19 -7.12 -16.62 -2.17
N TYR A 20 -7.47 -16.02 -1.02
CA TYR A 20 -6.60 -16.10 0.14
C TYR A 20 -6.64 -17.47 0.80
N CYS A 21 -7.82 -18.01 1.00
CA CYS A 21 -7.99 -19.32 1.62
C CYS A 21 -9.25 -19.93 1.05
N MET A 22 -9.08 -21.07 0.38
CA MET A 22 -10.15 -21.74 -0.35
C MET A 22 -10.03 -23.24 -0.09
N ARG A 23 -11.15 -23.93 0.00
CA ARG A 23 -11.12 -25.38 0.03
C ARG A 23 -10.64 -25.89 -1.32
N LYS A 24 -9.74 -26.86 -1.29
CA LYS A 24 -9.30 -27.47 -2.54
C LYS A 24 -10.46 -28.13 -3.25
N GLU A 25 -10.47 -27.99 -4.57
CA GLU A 25 -11.42 -28.65 -5.46
C GLU A 25 -10.95 -30.08 -5.74
N SER A 26 -11.16 -30.95 -4.75
CA SER A 26 -10.98 -32.39 -4.93
C SER A 26 -12.21 -33.11 -4.43
N ALA A 27 -12.51 -34.26 -5.05
CA ALA A 27 -13.54 -35.17 -4.54
C ALA A 27 -12.99 -36.11 -3.49
N ILE A 28 -11.69 -36.38 -3.49
CA ILE A 28 -11.12 -37.12 -2.37
C ILE A 28 -11.16 -36.24 -1.13
N PRO A 29 -11.69 -36.72 0.00
CA PRO A 29 -11.68 -35.91 1.22
C PRO A 29 -10.26 -35.62 1.70
N LEU A 30 -10.06 -34.41 2.21
CA LEU A 30 -8.75 -33.90 2.59
C LEU A 30 -8.71 -33.55 4.08
N SER A 31 -7.59 -33.85 4.75
CA SER A 31 -7.45 -33.71 6.19
C SER A 31 -6.56 -32.53 6.56
N GLY A 32 -6.70 -32.04 7.79
CA GLY A 32 -5.84 -31.00 8.34
C GLY A 32 -5.67 -29.77 7.47
N ASN A 33 -4.43 -29.25 7.44
CA ASN A 33 -4.12 -28.12 6.58
C ASN A 33 -4.30 -28.46 5.12
N ASP A 34 -4.32 -29.77 4.83
CA ASP A 34 -4.46 -30.26 3.46
C ASP A 34 -5.73 -29.77 2.83
N GLN A 35 -6.73 -29.45 3.65
CA GLN A 35 -8.01 -29.14 3.05
C GLN A 35 -8.02 -27.78 2.37
N PHE A 36 -6.98 -26.94 2.53
CA PHE A 36 -7.00 -25.54 2.14
C PHE A 36 -5.86 -25.16 1.20
N GLU A 37 -6.12 -24.17 0.35
CA GLU A 37 -5.10 -23.58 -0.53
C GLU A 37 -5.40 -22.11 -0.73
N GLY A 38 -4.39 -21.38 -1.19
CA GLY A 38 -4.53 -19.97 -1.47
C GLY A 38 -3.32 -19.14 -1.09
N TYR A 39 -3.39 -17.84 -1.40
CA TYR A 39 -2.32 -16.90 -1.07
C TYR A 39 -1.95 -16.94 0.42
N ALA A 40 -2.96 -16.90 1.29
CA ALA A 40 -2.66 -16.86 2.73
C ALA A 40 -2.11 -18.20 3.21
N VAL A 41 -2.63 -19.30 2.65
CA VAL A 41 -2.11 -20.64 2.92
C VAL A 41 -0.63 -20.73 2.53
N ASP A 42 -0.28 -20.21 1.36
CA ASP A 42 1.13 -20.21 0.94
C ASP A 42 1.98 -19.26 1.79
N LEU A 43 1.43 -18.11 2.20
CA LEU A 43 2.16 -17.19 3.04
C LEU A 43 2.50 -17.81 4.40
N ILE A 44 1.55 -18.51 5.03
CA ILE A 44 1.91 -19.08 6.32
C ILE A 44 2.95 -20.20 6.14
N HIS A 45 2.88 -20.91 5.02
CA HIS A 45 3.92 -21.87 4.68
C HIS A 45 5.29 -21.22 4.66
N GLU A 46 5.42 -20.07 3.98
CA GLU A 46 6.70 -19.35 3.88
C GLU A 46 7.19 -18.86 5.23
N ILE A 47 6.29 -18.33 6.05
CA ILE A 47 6.68 -17.81 7.33
C ILE A 47 7.12 -18.95 8.24
N SER A 48 6.38 -20.08 8.22
CA SER A 48 6.73 -21.23 9.06
C SER A 48 8.09 -21.82 8.65
N LYS A 49 8.41 -21.83 7.37
CA LYS A 49 9.74 -22.27 6.95
C LYS A 49 10.83 -21.36 7.52
N SER A 50 10.60 -20.05 7.49
N SER A 50 10.61 -20.06 7.47
CA SER A 50 11.66 -19.13 7.88
CA SER A 50 11.65 -19.13 7.90
C SER A 50 11.87 -19.10 9.39
C SER A 50 11.89 -19.22 9.40
N LEU A 51 10.81 -19.28 10.18
CA LEU A 51 10.92 -19.21 11.62
C LEU A 51 10.99 -20.58 12.29
N GLY A 52 10.70 -21.62 11.54
CA GLY A 52 10.93 -22.99 11.96
C GLY A 52 9.87 -23.57 12.85
N PHE A 53 8.61 -23.19 12.66
CA PHE A 53 7.54 -23.76 13.46
C PHE A 53 6.60 -24.58 12.59
N ASN A 54 5.89 -25.46 13.25
CA ASN A 54 4.77 -26.17 12.68
C ASN A 54 3.49 -25.43 13.01
N TYR A 55 2.43 -25.72 12.24
CA TYR A 55 1.19 -24.98 12.40
C TYR A 55 0.00 -25.82 11.99
N LYS A 56 -1.14 -25.43 12.53
CA LYS A 56 -2.44 -26.02 12.25
C LYS A 56 -3.36 -24.89 11.84
N ILE A 57 -3.92 -24.99 10.64
CA ILE A 57 -4.91 -24.02 10.17
C ILE A 57 -6.27 -24.40 10.71
N GLN A 58 -6.94 -23.45 11.35
CA GLN A 58 -8.31 -23.64 11.82
C GLN A 58 -9.15 -22.48 11.32
N LEU A 59 -10.16 -22.79 10.54
CA LEU A 59 -11.12 -21.78 10.16
C LEU A 59 -11.81 -21.21 11.38
N VAL A 60 -11.96 -19.90 11.38
CA VAL A 60 -12.56 -19.17 12.50
C VAL A 60 -13.97 -19.70 12.78
N PRO A 61 -14.32 -20.04 14.02
CA PRO A 61 -15.55 -20.83 14.26
C PRO A 61 -16.86 -20.08 14.11
N ASP A 62 -16.84 -18.76 13.89
CA ASP A 62 -18.07 -18.02 13.70
C ASP A 62 -18.15 -17.35 12.35
N GLY A 63 -17.21 -17.64 11.44
CA GLY A 63 -17.26 -17.10 10.07
C GLY A 63 -17.13 -15.60 9.98
N SER A 64 -16.46 -14.99 10.94
CA SER A 64 -16.39 -13.54 11.01
C SER A 64 -14.94 -13.11 11.07
N TYR A 65 -14.68 -11.89 10.57
CA TYR A 65 -13.34 -11.29 10.61
C TYR A 65 -13.00 -10.83 12.03
N GLY A 66 -13.88 -10.05 12.64
CA GLY A 66 -13.59 -9.45 13.92
C GLY A 66 -14.08 -8.02 14.06
N SER A 67 -15.21 -7.86 14.74
CA SER A 67 -15.79 -6.55 15.01
C SER A 67 -16.06 -6.46 16.50
N LEU A 68 -16.05 -5.24 17.03
CA LEU A 68 -16.24 -5.02 18.45
C LEU A 68 -17.66 -4.53 18.69
N ASN A 69 -18.39 -5.21 19.56
CA ASN A 69 -19.68 -4.72 20.02
C ASN A 69 -19.39 -3.59 21.00
N LYS A 70 -19.64 -2.35 20.57
CA LYS A 70 -19.27 -1.19 21.38
C LYS A 70 -20.03 -1.19 22.70
N LEU A 71 -21.34 -1.38 22.62
CA LEU A 71 -22.15 -1.54 23.82
C LEU A 71 -21.47 -2.52 24.77
N THR A 72 -21.34 -3.79 24.35
CA THR A 72 -20.93 -4.84 25.29
C THR A 72 -19.42 -4.97 25.47
N GLY A 73 -18.63 -4.68 24.43
CA GLY A 73 -17.20 -4.85 24.52
C GLY A 73 -16.72 -6.26 24.20
N GLU A 74 -17.56 -7.04 23.54
CA GLU A 74 -17.23 -8.40 23.15
C GLU A 74 -16.65 -8.38 21.74
N TRP A 75 -15.55 -9.08 21.56
CA TRP A 75 -14.98 -9.33 20.26
C TRP A 75 -15.51 -10.64 19.72
N ASN A 76 -15.66 -10.71 18.40
CA ASN A 76 -15.94 -11.96 17.69
C ASN A 76 -14.81 -12.26 16.69
N GLY A 77 -15.05 -13.25 15.84
CA GLY A 77 -14.18 -13.52 14.70
C GLY A 77 -12.78 -13.97 15.04
N MET A 78 -11.86 -13.69 14.09
CA MET A 78 -10.45 -14.05 14.28
C MET A 78 -9.82 -13.29 15.46
N ILE A 79 -10.26 -12.05 15.67
CA ILE A 79 -9.76 -11.26 16.80
C ILE A 79 -10.09 -11.97 18.12
N ARG A 80 -11.31 -12.50 18.27
CA ARG A 80 -11.66 -13.27 19.49
C ARG A 80 -10.77 -14.48 19.66
N GLU A 81 -10.52 -15.24 18.57
CA GLU A 81 -9.69 -16.43 18.70
C GLU A 81 -8.31 -16.10 19.27
N LEU A 82 -7.68 -15.00 18.81
CA LEU A 82 -6.38 -14.62 19.32
C LEU A 82 -6.47 -14.26 20.79
N LEU A 83 -7.47 -13.49 21.13
CA LEU A 83 -7.56 -12.90 22.47
C LEU A 83 -8.02 -13.93 23.51
N GLU A 84 -8.56 -15.06 23.08
CA GLU A 84 -8.97 -16.14 23.97
C GLU A 84 -7.96 -17.27 23.97
N GLN A 85 -6.76 -17.02 23.41
CA GLN A 85 -5.66 -17.99 23.40
C GLN A 85 -6.01 -19.26 22.64
N ARG A 86 -6.88 -19.13 21.65
CA ARG A 86 -7.25 -20.23 20.79
C ARG A 86 -6.62 -20.14 19.41
N ALA A 87 -5.85 -19.08 19.14
CA ALA A 87 -5.02 -19.00 17.97
C ALA A 87 -3.84 -18.12 18.31
N ASP A 88 -2.69 -18.42 17.69
CA ASP A 88 -1.44 -17.67 17.84
C ASP A 88 -1.27 -16.56 16.82
N LEU A 89 -1.79 -16.79 15.61
CA LEU A 89 -1.67 -15.86 14.48
C LEU A 89 -2.97 -15.91 13.69
N ALA A 90 -3.37 -14.76 13.16
CA ALA A 90 -4.49 -14.65 12.23
C ALA A 90 -3.91 -14.22 10.89
N ILE A 91 -4.10 -15.03 9.86
CA ILE A 91 -3.50 -14.81 8.55
C ILE A 91 -4.62 -14.95 7.53
N ALA A 92 -5.06 -13.81 6.98
CA ALA A 92 -6.26 -13.74 6.14
C ALA A 92 -6.26 -12.39 5.43
N ASP A 93 -7.31 -12.12 4.67
CA ASP A 93 -7.57 -10.78 4.14
C ASP A 93 -8.20 -9.92 5.24
N LEU A 94 -7.41 -9.72 6.32
CA LEU A 94 -7.79 -9.00 7.53
C LEU A 94 -7.20 -7.60 7.50
N THR A 95 -8.08 -6.60 7.42
CA THR A 95 -7.68 -5.20 7.36
C THR A 95 -7.15 -4.70 8.69
N ILE A 96 -6.04 -4.00 8.61
CA ILE A 96 -5.50 -3.28 9.77
C ILE A 96 -6.39 -2.06 10.03
N THR A 97 -7.04 -2.03 11.18
CA THR A 97 -7.94 -0.93 11.54
C THR A 97 -7.59 -0.39 12.93
N PHE A 98 -7.96 0.88 13.14
CA PHE A 98 -7.86 1.50 14.47
C PHE A 98 -8.51 0.64 15.57
N GLU A 99 -9.78 0.28 15.40
CA GLU A 99 -10.47 -0.53 16.41
C GLU A 99 -9.69 -1.81 16.75
N ARG A 100 -9.23 -2.55 15.72
CA ARG A 100 -8.51 -3.80 16.00
C ARG A 100 -7.14 -3.55 16.64
N GLU A 101 -6.43 -2.51 16.19
CA GLU A 101 -5.15 -2.19 16.76
C GLU A 101 -5.20 -1.87 18.25
N GLN A 102 -6.35 -1.48 18.78
CA GLN A 102 -6.47 -1.25 20.21
C GLN A 102 -6.50 -2.54 21.02
N ALA A 103 -6.69 -3.69 20.37
CA ALA A 103 -6.86 -4.97 21.06
C ALA A 103 -5.82 -5.99 20.68
N VAL A 104 -5.30 -5.95 19.45
CA VAL A 104 -4.31 -6.89 18.96
C VAL A 104 -3.16 -6.11 18.34
N ASP A 105 -2.08 -6.82 18.08
CA ASP A 105 -0.97 -6.28 17.32
C ASP A 105 -1.03 -6.75 15.86
N PHE A 106 -0.51 -5.91 14.98
CA PHE A 106 -0.45 -6.21 13.56
C PHE A 106 1.01 -6.15 13.09
N THR A 107 1.38 -7.08 12.23
CA THR A 107 2.61 -6.89 11.46
C THR A 107 2.48 -5.70 10.52
N THR A 108 3.64 -5.30 9.98
CA THR A 108 3.68 -4.46 8.79
C THR A 108 2.87 -5.18 7.70
N PRO A 109 2.26 -4.46 6.77
CA PRO A 109 1.41 -5.12 5.76
C PRO A 109 2.12 -6.13 4.87
N PHE A 110 1.36 -7.12 4.45
CA PHE A 110 1.80 -7.97 3.38
C PHE A 110 1.10 -7.66 2.07
N MET A 111 0.02 -6.87 2.09
CA MET A 111 -0.67 -6.45 0.87
C MET A 111 -1.36 -5.10 1.13
N ASN A 112 -1.34 -4.22 0.12
CA ASN A 112 -1.94 -2.89 0.19
C ASN A 112 -3.09 -2.83 -0.80
N LEU A 113 -4.13 -2.07 -0.47
CA LEU A 113 -5.36 -2.07 -1.27
C LEU A 113 -6.14 -0.80 -1.01
N GLY A 114 -7.26 -0.65 -1.69
CA GLY A 114 -8.13 0.50 -1.47
C GLY A 114 -9.36 0.29 -2.32
N VAL A 115 -10.43 1.03 -1.96
CA VAL A 115 -11.62 1.03 -2.81
C VAL A 115 -11.28 1.60 -4.18
N SER A 116 -11.81 0.99 -5.23
CA SER A 116 -11.66 1.55 -6.56
C SER A 116 -12.92 1.21 -7.38
N ILE A 117 -12.82 1.47 -8.69
CA ILE A 117 -13.97 1.45 -9.60
C ILE A 117 -13.75 0.33 -10.62
N LEU A 118 -14.69 -0.60 -10.69
CA LEU A 118 -14.75 -1.59 -11.77
C LEU A 118 -15.68 -1.09 -12.89
N TYR A 119 -15.19 -1.04 -14.12
CA TYR A 119 -15.99 -0.52 -15.22
C TYR A 119 -15.59 -1.23 -16.51
N ARG A 120 -16.29 -0.90 -17.59
CA ARG A 120 -15.89 -1.33 -18.92
C ARG A 120 -14.64 -0.60 -19.39
N LYS A 121 -13.92 -1.25 -20.29
CA LYS A 121 -12.69 -0.72 -20.84
C LYS A 121 -12.99 0.29 -21.96
N GLY A 122 -12.11 1.27 -22.11
CA GLY A 122 -12.14 2.18 -23.24
C GLY A 122 -13.28 3.19 -23.30
N THR A 123 -13.54 3.86 -22.18
CA THR A 123 -14.42 5.02 -22.12
C THR A 123 -13.56 6.18 -21.67
N PRO A 124 -14.09 7.41 -21.65
CA PRO A 124 -13.34 8.55 -21.10
C PRO A 124 -13.53 8.78 -19.61
N ILE A 125 -14.22 7.87 -18.91
CA ILE A 125 -14.33 7.94 -17.46
C ILE A 125 -12.99 7.56 -16.86
N GLU A 126 -12.41 8.46 -16.07
CA GLU A 126 -11.07 8.30 -15.52
C GLU A 126 -10.99 8.33 -14.01
N SER A 127 -12.07 8.69 -13.31
CA SER A 127 -12.00 8.95 -11.89
C SER A 127 -13.38 8.91 -11.26
N ALA A 128 -13.38 8.81 -9.93
CA ALA A 128 -14.61 8.92 -9.17
C ALA A 128 -15.25 10.26 -9.41
N GLU A 129 -14.43 11.31 -9.59
CA GLU A 129 -14.96 12.64 -9.85
C GLU A 129 -15.74 12.70 -11.16
N ASP A 130 -15.29 11.95 -12.18
CA ASP A 130 -16.05 11.87 -13.44
C ASP A 130 -17.39 11.17 -13.26
N LEU A 131 -17.45 10.13 -12.43
CA LEU A 131 -18.75 9.51 -12.12
C LEU A 131 -19.63 10.44 -11.32
N ALA A 132 -19.07 11.16 -10.36
CA ALA A 132 -19.89 11.95 -9.47
C ALA A 132 -20.51 13.15 -10.15
N LYS A 133 -19.90 13.64 -11.20
CA LYS A 133 -20.39 14.87 -11.82
C LYS A 133 -21.40 14.61 -12.93
N GLN A 134 -21.79 13.37 -13.14
CA GLN A 134 -22.76 13.02 -14.17
C GLN A 134 -23.81 12.11 -13.57
N THR A 135 -24.87 11.84 -14.32
CA THR A 135 -25.97 11.01 -13.80
C THR A 135 -26.30 9.81 -14.66
N ARG A 136 -25.79 9.74 -15.86
CA ARG A 136 -26.15 8.66 -16.78
C ARG A 136 -25.60 7.31 -16.31
N ILE A 137 -24.31 7.25 -15.98
CA ILE A 137 -23.69 6.03 -15.48
C ILE A 137 -24.05 5.88 -14.00
N LYS A 138 -24.70 4.79 -13.66
CA LYS A 138 -25.00 4.53 -12.28
C LYS A 138 -23.84 3.75 -11.65
N TYR A 139 -23.73 3.82 -10.32
CA TYR A 139 -22.67 3.07 -9.66
C TYR A 139 -23.17 2.61 -8.30
N GLY A 140 -22.70 1.45 -7.88
CA GLY A 140 -23.17 0.84 -6.66
C GLY A 140 -22.07 0.05 -5.98
N ALA A 141 -22.45 -0.72 -4.96
CA ALA A 141 -21.50 -1.46 -4.14
C ALA A 141 -22.25 -2.61 -3.50
N LEU A 142 -21.49 -3.49 -2.84
CA LEU A 142 -22.10 -4.61 -2.14
C LEU A 142 -22.89 -4.07 -0.95
N LYS A 143 -24.17 -4.38 -0.88
CA LYS A 143 -24.97 -3.88 0.23
C LYS A 143 -24.43 -4.45 1.54
N GLY A 144 -24.23 -3.57 2.52
CA GLY A 144 -23.73 -3.94 3.82
C GLY A 144 -22.25 -4.20 3.91
N GLY A 145 -21.49 -4.00 2.83
CA GLY A 145 -20.06 -4.29 2.84
C GLY A 145 -19.21 -3.12 3.34
N SER A 146 -17.90 -3.34 3.36
CA SER A 146 -17.00 -2.27 3.78
C SER A 146 -16.95 -1.10 2.79
N THR A 147 -17.12 -1.36 1.49
CA THR A 147 -17.06 -0.26 0.54
C THR A 147 -18.23 0.67 0.75
N ALA A 148 -19.41 0.09 0.99
CA ALA A 148 -20.61 0.88 1.25
C ALA A 148 -20.47 1.65 2.56
N ALA A 149 -19.84 1.02 3.56
CA ALA A 149 -19.58 1.69 4.82
C ALA A 149 -18.60 2.83 4.62
N PHE A 150 -17.62 2.64 3.73
CA PHE A 150 -16.66 3.70 3.45
C PHE A 150 -17.36 4.92 2.89
N PHE A 151 -18.29 4.71 1.96
CA PHE A 151 -18.99 5.83 1.36
C PHE A 151 -19.94 6.48 2.36
N ARG A 152 -20.66 5.66 3.13
CA ARG A 152 -21.57 6.13 4.18
C ARG A 152 -20.87 7.06 5.15
N ASP A 153 -19.67 6.70 5.60
CA ASP A 153 -18.94 7.43 6.64
C ASP A 153 -18.00 8.52 6.11
N SER A 154 -17.80 8.62 4.81
CA SER A 154 -16.83 9.58 4.28
C SER A 154 -17.28 11.02 4.51
N LYS A 155 -16.32 11.89 4.81
CA LYS A 155 -16.55 13.34 4.82
C LYS A 155 -15.79 14.06 3.71
N ILE A 156 -15.44 13.37 2.63
CA ILE A 156 -14.88 14.01 1.44
C ILE A 156 -16.03 14.26 0.47
N SER A 157 -16.11 15.47 -0.07
CA SER A 157 -17.33 15.90 -0.75
C SER A 157 -17.66 15.01 -1.94
N THR A 158 -16.65 14.55 -2.68
CA THR A 158 -16.95 13.71 -3.84
C THR A 158 -17.70 12.46 -3.40
N TYR A 159 -17.23 11.85 -2.33
CA TYR A 159 -17.73 10.56 -1.90
C TYR A 159 -19.05 10.72 -1.15
N GLN A 160 -19.25 11.85 -0.46
CA GLN A 160 -20.57 12.20 0.06
C GLN A 160 -21.58 12.32 -1.06
N ARG A 161 -21.17 12.95 -2.15
CA ARG A 161 -22.07 13.08 -3.30
C ARG A 161 -22.35 11.71 -3.91
N MET A 162 -21.33 10.87 -4.06
CA MET A 162 -21.56 9.51 -4.54
C MET A 162 -22.51 8.75 -3.62
N TRP A 163 -22.33 8.88 -2.30
CA TRP A 163 -23.18 8.13 -1.38
C TRP A 163 -24.63 8.59 -1.49
N SER A 164 -24.84 9.89 -1.68
CA SER A 164 -26.20 10.38 -1.80
C SER A 164 -26.86 9.82 -3.06
N PHE A 165 -26.12 9.76 -4.16
CA PHE A 165 -26.64 9.20 -5.40
C PHE A 165 -26.93 7.72 -5.25
N MET A 166 -26.10 7.00 -4.49
CA MET A 166 -26.28 5.56 -4.37
C MET A 166 -27.56 5.23 -3.62
N GLU A 167 -27.79 5.91 -2.49
CA GLU A 167 -28.96 5.60 -1.66
C GLU A 167 -30.26 5.98 -2.34
N SER A 168 -30.23 6.98 -3.22
N SER A 168 -30.24 6.99 -3.21
CA SER A 168 -31.42 7.53 -3.84
CA SER A 168 -31.44 7.52 -3.83
C SER A 168 -31.74 6.89 -5.19
C SER A 168 -31.73 6.92 -5.20
N ALA A 169 -30.82 6.14 -5.77
CA ALA A 169 -31.08 5.59 -7.09
C ALA A 169 -32.19 4.55 -7.02
N ARG A 170 -33.03 4.52 -8.05
CA ARG A 170 -34.08 3.50 -8.22
C ARG A 170 -34.04 3.07 -9.68
N PRO A 171 -33.94 1.76 -9.95
CA PRO A 171 -33.82 0.63 -9.00
C PRO A 171 -32.53 0.67 -8.18
N SER A 172 -32.49 -0.10 -7.09
CA SER A 172 -31.33 -0.11 -6.21
C SER A 172 -30.05 -0.40 -6.99
N VAL A 173 -29.01 0.36 -6.70
CA VAL A 173 -27.69 0.13 -7.26
C VAL A 173 -26.87 -0.83 -6.42
N PHE A 174 -27.37 -1.23 -5.26
CA PHE A 174 -26.62 -2.14 -4.39
C PHE A 174 -26.86 -3.59 -4.78
N THR A 175 -25.87 -4.43 -4.45
CA THR A 175 -25.89 -5.84 -4.83
C THR A 175 -25.79 -6.74 -3.61
N ALA A 176 -26.27 -7.98 -3.77
CA ALA A 176 -26.17 -8.96 -2.70
C ALA A 176 -24.83 -9.69 -2.69
N SER A 177 -24.06 -9.60 -3.77
CA SER A 177 -22.74 -10.23 -3.83
C SER A 177 -21.87 -9.41 -4.77
N ASN A 178 -20.54 -9.55 -4.67
CA ASN A 178 -19.68 -8.88 -5.63
C ASN A 178 -19.92 -9.44 -7.04
N GLY A 179 -20.13 -10.75 -7.14
CA GLY A 179 -20.35 -11.36 -8.44
C GLY A 179 -21.52 -10.76 -9.19
N GLU A 180 -22.58 -10.41 -8.46
CA GLU A 180 -23.72 -9.71 -9.03
C GLU A 180 -23.31 -8.33 -9.55
N GLY A 181 -22.45 -7.64 -8.80
CA GLY A 181 -22.01 -6.34 -9.27
C GLY A 181 -21.16 -6.46 -10.52
N VAL A 182 -20.29 -7.45 -10.56
CA VAL A 182 -19.45 -7.67 -11.73
C VAL A 182 -20.32 -7.94 -12.96
N GLU A 183 -21.33 -8.78 -12.79
CA GLU A 183 -22.20 -9.12 -13.90
C GLU A 183 -22.95 -7.88 -14.41
N ARG A 184 -23.30 -6.97 -13.50
CA ARG A 184 -24.02 -5.77 -13.90
C ARG A 184 -23.13 -4.85 -14.71
N VAL A 185 -21.86 -4.74 -14.34
CA VAL A 185 -20.91 -4.01 -15.16
C VAL A 185 -20.75 -4.70 -16.50
N ALA A 186 -20.50 -6.00 -16.48
CA ALA A 186 -20.17 -6.72 -17.71
C ALA A 186 -21.26 -6.60 -18.76
N LYS A 187 -22.52 -6.67 -18.34
CA LYS A 187 -23.66 -6.69 -19.24
C LYS A 187 -24.31 -5.33 -19.41
N GLY A 188 -23.70 -4.27 -18.85
CA GLY A 188 -24.35 -2.97 -18.75
C GLY A 188 -24.11 -1.98 -19.85
N LYS A 189 -23.23 -2.28 -20.82
CA LYS A 189 -22.85 -1.35 -21.88
C LYS A 189 -22.47 0.02 -21.33
N GLY A 190 -21.75 0.00 -20.22
CA GLY A 190 -21.27 1.23 -19.66
C GLY A 190 -22.26 1.95 -18.79
N SER A 191 -23.44 1.38 -18.59
CA SER A 191 -24.47 2.03 -17.78
C SER A 191 -24.24 1.86 -16.28
N TYR A 192 -23.31 1.00 -15.89
CA TYR A 192 -23.13 0.68 -14.48
C TYR A 192 -21.65 0.48 -14.18
N ALA A 193 -21.19 1.07 -13.08
CA ALA A 193 -19.85 0.84 -12.55
C ALA A 193 -20.01 0.29 -11.13
N PHE A 194 -19.06 -0.53 -10.69
CA PHE A 194 -19.15 -1.23 -9.40
C PHE A 194 -17.96 -0.84 -8.54
N LEU A 195 -18.22 -0.44 -7.29
CA LEU A 195 -17.18 -0.03 -6.36
C LEU A 195 -16.85 -1.17 -5.40
N MET A 196 -15.58 -1.50 -5.28
CA MET A 196 -15.18 -2.52 -4.32
C MET A 196 -13.67 -2.45 -4.16
N GLU A 197 -13.12 -3.39 -3.38
N GLU A 197 -13.12 -3.37 -3.37
CA GLU A 197 -11.69 -3.37 -3.11
CA GLU A 197 -11.69 -3.33 -3.09
C GLU A 197 -10.88 -3.62 -4.37
C GLU A 197 -10.88 -3.62 -4.34
N SER A 198 -9.73 -2.94 -4.45
CA SER A 198 -8.84 -3.04 -5.61
C SER A 198 -8.31 -4.47 -5.81
N THR A 199 -8.16 -5.22 -4.72
CA THR A 199 -7.75 -6.62 -4.85
C THR A 199 -8.80 -7.45 -5.56
N SER A 200 -10.07 -7.24 -5.21
CA SER A 200 -11.17 -7.93 -5.87
C SER A 200 -11.28 -7.51 -7.31
N ILE A 201 -11.05 -6.24 -7.59
CA ILE A 201 -11.13 -5.76 -8.97
C ILE A 201 -10.09 -6.44 -9.82
N GLU A 202 -8.87 -6.56 -9.31
CA GLU A 202 -7.81 -7.17 -10.10
C GLU A 202 -8.09 -8.64 -10.36
N TYR A 203 -8.72 -9.31 -9.41
CA TYR A 203 -9.06 -10.70 -9.61
C TYR A 203 -10.07 -10.84 -10.75
N VAL A 204 -11.03 -9.90 -10.81
CA VAL A 204 -12.03 -9.86 -11.87
C VAL A 204 -11.40 -9.48 -13.20
N THR A 205 -10.57 -8.45 -13.22
CA THR A 205 -10.10 -8.01 -14.52
C THR A 205 -9.13 -9.01 -15.14
N GLU A 206 -8.49 -9.85 -14.33
CA GLU A 206 -7.69 -10.96 -14.87
C GLU A 206 -8.54 -12.03 -15.51
N ARG A 207 -9.85 -12.05 -15.23
CA ARG A 207 -10.72 -13.12 -15.71
C ARG A 207 -11.86 -12.63 -16.59
N ASN A 208 -11.95 -11.33 -16.83
CA ASN A 208 -13.04 -10.67 -17.57
C ASN A 208 -12.30 -9.63 -18.44
N CYS A 209 -11.92 -10.00 -19.66
CA CYS A 209 -10.97 -9.16 -20.41
C CYS A 209 -11.57 -7.84 -20.91
N GLU A 210 -12.89 -7.68 -20.92
CA GLU A 210 -13.52 -6.41 -21.27
C GLU A 210 -13.65 -5.41 -20.10
N LEU A 211 -13.22 -5.77 -18.91
CA LEU A 211 -13.37 -4.90 -17.73
C LEU A 211 -12.01 -4.37 -17.31
N THR A 212 -12.04 -3.21 -16.64
CA THR A 212 -10.84 -2.58 -16.15
C THR A 212 -11.13 -1.89 -14.82
N GLN A 213 -10.06 -1.56 -14.12
CA GLN A 213 -10.13 -0.63 -12.98
C GLN A 213 -10.01 0.79 -13.51
N VAL A 214 -10.83 1.69 -12.97
CA VAL A 214 -10.86 3.08 -13.40
C VAL A 214 -10.27 3.92 -12.29
N GLY A 215 -9.21 4.64 -12.61
CA GLY A 215 -8.66 5.54 -11.62
C GLY A 215 -7.88 4.75 -10.60
N GLY A 216 -7.48 5.46 -9.55
N GLY A 216 -7.47 5.46 -9.55
CA GLY A 216 -6.77 4.88 -8.44
CA GLY A 216 -6.68 4.85 -8.49
C GLY A 216 -7.67 4.62 -7.25
C GLY A 216 -7.52 4.46 -7.30
N MET A 217 -7.06 4.55 -6.08
N MET A 217 -7.03 4.77 -6.12
CA MET A 217 -7.76 4.18 -4.87
CA MET A 217 -7.65 4.37 -4.87
C MET A 217 -8.36 5.39 -4.18
C MET A 217 -8.43 5.52 -4.27
N LEU A 218 -9.62 5.23 -3.75
CA LEU A 218 -10.39 6.22 -3.06
C LEU A 218 -10.17 6.21 -1.57
N ASP A 219 -9.64 5.11 -1.03
CA ASP A 219 -9.16 5.12 0.33
C ASP A 219 -7.96 4.20 0.33
N THR A 220 -7.34 4.09 1.50
CA THR A 220 -6.14 3.29 1.66
C THR A 220 -6.29 2.35 2.84
N LYS A 221 -5.80 1.13 2.66
CA LYS A 221 -5.76 0.19 3.77
C LYS A 221 -4.87 -0.98 3.36
N SER A 222 -4.60 -1.82 4.35
CA SER A 222 -3.63 -2.89 4.19
C SER A 222 -4.14 -4.09 4.92
N TYR A 223 -3.67 -5.26 4.46
CA TYR A 223 -3.80 -6.48 5.24
C TYR A 223 -2.50 -6.74 6.00
N GLY A 224 -2.67 -7.16 7.24
CA GLY A 224 -1.54 -7.59 8.06
C GLY A 224 -1.89 -8.82 8.86
N ILE A 225 -0.83 -9.49 9.36
CA ILE A 225 -0.97 -10.61 10.26
C ILE A 225 -1.19 -10.09 11.66
N ALA A 226 -2.20 -10.65 12.35
CA ALA A 226 -2.53 -10.19 13.70
C ALA A 226 -2.06 -11.20 14.71
N THR A 227 -1.60 -10.70 15.86
CA THR A 227 -1.15 -11.50 16.98
C THR A 227 -1.76 -10.97 18.27
N PRO A 228 -1.83 -11.79 19.32
CA PRO A 228 -2.27 -11.28 20.61
C PRO A 228 -1.32 -10.20 21.09
N PRO A 229 -1.82 -9.24 21.87
CA PRO A 229 -0.98 -8.11 22.26
C PRO A 229 0.33 -8.59 22.85
N ASN A 230 1.42 -7.94 22.44
CA ASN A 230 2.72 -8.23 23.00
C ASN A 230 3.29 -9.59 22.58
N SER A 231 2.72 -10.29 21.57
CA SER A 231 3.25 -11.60 21.18
C SER A 231 4.73 -11.52 20.79
N PRO A 232 5.51 -12.53 21.12
CA PRO A 232 6.92 -12.57 20.70
C PRO A 232 7.12 -12.98 19.25
N TYR A 233 6.05 -13.03 18.44
CA TYR A 233 6.18 -13.37 17.02
C TYR A 233 5.94 -12.21 16.09
N ARG A 234 5.33 -11.12 16.56
CA ARG A 234 5.10 -9.98 15.69
C ARG A 234 6.41 -9.53 15.06
N THR A 235 7.44 -9.31 15.89
CA THR A 235 8.63 -8.68 15.32
C THR A 235 9.41 -9.67 14.43
N ALA A 236 9.48 -10.97 14.80
CA ALA A 236 10.09 -11.93 13.88
C ALA A 236 9.31 -12.01 12.57
N ILE A 237 7.98 -12.02 12.62
CA ILE A 237 7.21 -12.11 11.39
C ILE A 237 7.33 -10.86 10.55
N ASN A 238 7.44 -9.69 11.18
CA ASN A 238 7.68 -8.44 10.45
C ASN A 238 8.87 -8.56 9.51
N SER A 239 9.99 -9.05 10.04
CA SER A 239 11.18 -9.19 9.21
C SER A 239 10.97 -10.20 8.11
N VAL A 240 10.25 -11.28 8.38
CA VAL A 240 9.96 -12.25 7.32
C VAL A 240 9.17 -11.63 6.18
N ILE A 241 8.10 -10.90 6.50
CA ILE A 241 7.28 -10.28 5.46
C ILE A 241 8.12 -9.34 4.61
N LEU A 242 8.94 -8.53 5.25
CA LEU A 242 9.76 -7.59 4.48
C LEU A 242 10.77 -8.33 3.61
N LYS A 243 11.39 -9.38 4.15
CA LYS A 243 12.27 -10.18 3.31
C LYS A 243 11.51 -10.84 2.15
N LEU A 244 10.37 -11.49 2.44
CA LEU A 244 9.63 -12.11 1.34
C LEU A 244 9.29 -11.08 0.28
N GLN A 245 8.87 -9.88 0.72
CA GLN A 245 8.52 -8.83 -0.23
C GLN A 245 9.71 -8.50 -1.14
N GLU A 246 10.86 -8.22 -0.54
CA GLU A 246 11.99 -7.74 -1.29
C GLU A 246 12.64 -8.84 -2.14
N GLU A 247 12.55 -10.09 -1.72
CA GLU A 247 13.03 -11.21 -2.54
C GLU A 247 12.17 -11.44 -3.76
N GLY A 248 10.96 -10.89 -3.77
CA GLY A 248 10.02 -11.14 -4.84
C GLY A 248 9.07 -12.28 -4.59
N LYS A 249 9.11 -12.90 -3.40
CA LYS A 249 8.23 -14.03 -3.15
C LYS A 249 6.75 -13.62 -3.04
N LEU A 250 6.46 -12.42 -2.51
CA LEU A 250 5.07 -12.00 -2.41
C LEU A 250 4.52 -11.64 -3.78
N HIS A 251 5.34 -11.07 -4.66
CA HIS A 251 4.97 -10.84 -6.07
C HIS A 251 4.64 -12.15 -6.76
N ILE A 252 5.47 -13.16 -6.57
CA ILE A 252 5.22 -14.48 -7.14
C ILE A 252 3.91 -15.06 -6.62
N LEU A 253 3.64 -14.92 -5.31
CA LEU A 253 2.39 -15.45 -4.76
C LEU A 253 1.19 -14.74 -5.35
N LYS A 254 1.31 -13.44 -5.57
CA LYS A 254 0.20 -12.68 -6.14
C LYS A 254 -0.08 -13.10 -7.58
N THR A 255 0.97 -13.24 -8.40
CA THR A 255 0.80 -13.76 -9.76
C THR A 255 0.15 -15.13 -9.74
N LYS A 256 0.61 -16.01 -8.85
CA LYS A 256 0.07 -17.35 -8.78
C LYS A 256 -1.44 -17.33 -8.55
N TRP A 257 -1.90 -16.57 -7.58
CA TRP A 257 -3.28 -16.70 -7.19
C TRP A 257 -4.22 -15.75 -7.93
N TRP A 258 -3.72 -14.61 -8.40
CA TRP A 258 -4.54 -13.67 -9.15
C TRP A 258 -4.50 -13.93 -10.65
N LYS A 259 -3.36 -14.36 -11.17
CA LYS A 259 -3.16 -14.42 -12.61
C LYS A 259 -2.99 -15.82 -13.15
N GLU A 260 -2.90 -16.85 -12.30
CA GLU A 260 -2.61 -18.20 -12.76
C GLU A 260 -3.71 -19.18 -12.33
N LYS A 261 -3.80 -19.50 -11.05
CA LYS A 261 -4.87 -20.38 -10.58
C LYS A 261 -6.20 -19.70 -10.87
N ARG A 262 -7.20 -20.47 -11.29
CA ARG A 262 -8.49 -19.83 -11.49
C ARG A 262 -9.40 -20.18 -10.33
N GLY A 263 -9.92 -21.39 -10.29
CA GLY A 263 -10.70 -21.81 -9.14
C GLY A 263 -9.83 -21.86 -7.91
N GLY A 264 -10.27 -22.58 -6.89
CA GLY A 264 -9.36 -22.91 -5.84
C GLY A 264 -9.76 -23.98 -4.85
N LEU B 5 3.95 12.15 26.25
CA LEU B 5 4.12 13.01 25.08
C LEU B 5 3.49 14.38 25.29
N LYS B 6 2.53 14.46 26.21
CA LYS B 6 1.98 15.76 26.58
C LYS B 6 3.09 16.64 27.15
N ASN B 7 3.24 17.84 26.60
CA ASN B 7 4.26 18.78 27.04
C ASN B 7 5.65 18.14 26.97
N LYS B 8 5.96 17.54 25.83
CA LYS B 8 7.32 17.17 25.47
C LYS B 8 7.68 17.84 24.13
N THR B 9 8.98 17.91 23.84
CA THR B 9 9.48 18.44 22.57
C THR B 9 10.35 17.40 21.86
N LEU B 10 9.99 17.08 20.61
CA LEU B 10 10.68 16.06 19.82
C LEU B 10 11.44 16.71 18.66
N VAL B 11 12.58 16.11 18.29
CA VAL B 11 13.27 16.46 17.05
C VAL B 11 12.81 15.52 15.95
N VAL B 12 12.42 16.10 14.82
CA VAL B 12 11.98 15.36 13.67
C VAL B 12 13.02 15.53 12.59
N THR B 13 13.64 14.43 12.22
CA THR B 13 14.50 14.46 11.05
C THR B 13 13.66 14.26 9.82
N THR B 14 14.03 14.98 8.78
CA THR B 14 13.38 14.89 7.48
C THR B 14 14.42 15.24 6.42
N ILE B 15 13.97 15.23 5.19
CA ILE B 15 14.80 15.41 4.01
C ILE B 15 13.99 16.19 2.99
N LEU B 16 14.64 17.11 2.29
CA LEU B 16 13.91 17.83 1.28
C LEU B 16 13.58 16.91 0.13
N SER B 17 12.30 16.83 -0.19
CA SER B 17 11.80 15.95 -1.25
C SER B 17 10.39 16.42 -1.62
N ASN B 18 10.16 16.75 -2.89
CA ASN B 18 8.83 17.29 -3.24
C ASN B 18 7.82 16.17 -3.35
N PRO B 19 6.62 16.32 -2.76
CA PRO B 19 6.09 17.44 -1.97
C PRO B 19 6.08 17.15 -0.49
N TYR B 20 6.94 16.23 -0.01
CA TYR B 20 6.84 15.81 1.38
C TYR B 20 7.38 16.88 2.30
N CYS B 21 8.54 17.43 1.97
CA CYS B 21 9.14 18.52 2.71
C CYS B 21 9.84 19.43 1.72
N MET B 22 9.46 20.70 1.75
CA MET B 22 9.97 21.71 0.83
C MET B 22 10.20 23.02 1.56
N ARG B 23 11.20 23.78 1.11
CA ARG B 23 11.32 25.16 1.58
C ARG B 23 10.15 25.98 1.03
N LYS B 24 9.53 26.76 1.89
CA LYS B 24 8.45 27.65 1.43
C LYS B 24 8.99 28.66 0.43
N GLU B 25 8.11 29.08 -0.47
CA GLU B 25 8.37 30.08 -1.51
C GLU B 25 8.00 31.44 -0.94
N SER B 26 8.97 32.08 -0.30
CA SER B 26 8.81 33.43 0.21
C SER B 26 10.20 34.04 0.32
N ALA B 27 10.36 35.25 -0.22
CA ALA B 27 11.66 35.90 -0.14
C ALA B 27 11.98 36.28 1.31
N ILE B 28 10.97 36.48 2.15
CA ILE B 28 11.23 36.81 3.56
C ILE B 28 11.87 35.60 4.24
N PRO B 29 13.03 35.73 4.86
CA PRO B 29 13.60 34.59 5.59
C PRO B 29 12.59 34.06 6.61
N LEU B 30 12.57 32.74 6.75
CA LEU B 30 11.69 32.05 7.68
C LEU B 30 12.55 31.29 8.67
N SER B 31 12.05 31.15 9.89
CA SER B 31 12.81 30.53 10.96
C SER B 31 12.11 29.27 11.47
N GLY B 32 12.92 28.32 11.91
CA GLY B 32 12.42 27.10 12.49
C GLY B 32 11.50 26.35 11.53
N ASN B 33 10.51 25.69 12.10
CA ASN B 33 9.61 24.87 11.31
C ASN B 33 8.93 25.66 10.22
N ASP B 34 8.83 26.98 10.38
CA ASP B 34 8.07 27.79 9.45
C ASP B 34 8.67 27.79 8.07
N GLN B 35 9.95 27.47 7.94
CA GLN B 35 10.55 27.52 6.60
C GLN B 35 10.07 26.40 5.70
N PHE B 36 9.47 25.35 6.26
CA PHE B 36 9.13 24.16 5.50
C PHE B 36 7.62 23.99 5.33
N GLU B 37 7.24 23.31 4.25
CA GLU B 37 5.88 22.87 4.05
C GLU B 37 5.86 21.61 3.20
N GLY B 38 4.73 20.92 3.26
CA GLY B 38 4.49 19.74 2.48
C GLY B 38 3.68 18.68 3.22
N TYR B 39 3.51 17.53 2.57
CA TYR B 39 2.70 16.45 3.12
C TYR B 39 3.25 15.97 4.46
N ALA B 40 4.56 15.80 4.56
CA ALA B 40 5.14 15.29 5.80
C ALA B 40 5.08 16.33 6.90
N VAL B 41 5.28 17.61 6.55
CA VAL B 41 5.17 18.69 7.51
C VAL B 41 3.75 18.73 8.07
N ASP B 42 2.74 18.64 7.18
CA ASP B 42 1.36 18.59 7.64
C ASP B 42 1.06 17.33 8.45
N LEU B 43 1.66 16.19 8.09
CA LEU B 43 1.42 14.97 8.86
C LEU B 43 1.93 15.08 10.29
N ILE B 44 3.17 15.57 10.48
CA ILE B 44 3.64 15.68 11.85
C ILE B 44 2.83 16.71 12.62
N HIS B 45 2.39 17.81 11.96
CA HIS B 45 1.47 18.74 12.61
C HIS B 45 0.21 18.05 13.12
N GLU B 46 -0.44 17.25 12.26
CA GLU B 46 -1.63 16.53 12.72
C GLU B 46 -1.33 15.54 13.83
N ILE B 47 -0.19 14.85 13.75
CA ILE B 47 0.13 13.91 14.82
C ILE B 47 0.40 14.67 16.12
N SER B 48 1.14 15.79 16.03
CA SER B 48 1.41 16.57 17.24
C SER B 48 0.13 17.15 17.83
N LYS B 49 -0.85 17.49 17.00
CA LYS B 49 -2.12 17.96 17.55
C LYS B 49 -2.83 16.88 18.34
N SER B 50 -2.90 15.67 17.77
N SER B 50 -2.92 15.66 17.78
CA SER B 50 -3.63 14.58 18.41
CA SER B 50 -3.66 14.61 18.47
C SER B 50 -2.96 14.13 19.70
C SER B 50 -2.96 14.16 19.73
N LEU B 51 -1.63 14.22 19.77
CA LEU B 51 -0.89 13.73 20.91
C LEU B 51 -0.31 14.83 21.78
N GLY B 52 -0.32 16.09 21.32
CA GLY B 52 0.07 17.21 22.16
C GLY B 52 1.53 17.26 22.56
N PHE B 53 2.43 17.16 21.60
CA PHE B 53 3.83 17.47 21.77
C PHE B 53 4.21 18.58 20.80
N ASN B 54 5.32 19.25 21.11
CA ASN B 54 5.99 20.23 20.27
C ASN B 54 7.11 19.53 19.54
N TYR B 55 7.58 20.14 18.46
CA TYR B 55 8.62 19.50 17.69
C TYR B 55 9.47 20.51 16.93
N LYS B 56 10.63 20.03 16.46
CA LYS B 56 11.54 20.83 15.66
C LYS B 56 12.00 19.99 14.47
N ILE B 57 11.65 20.46 13.27
CA ILE B 57 12.12 19.87 12.02
C ILE B 57 13.57 20.25 11.76
N GLN B 58 14.41 19.25 11.58
CA GLN B 58 15.80 19.43 11.18
C GLN B 58 16.08 18.57 9.96
N LEU B 59 16.45 19.22 8.86
CA LEU B 59 16.87 18.49 7.69
C LEU B 59 18.12 17.65 8.01
N VAL B 60 18.12 16.42 7.51
CA VAL B 60 19.26 15.52 7.73
C VAL B 60 20.52 16.11 7.07
N PRO B 61 21.66 16.26 7.77
CA PRO B 61 22.80 17.00 7.14
C PRO B 61 23.35 16.37 5.87
N ASP B 62 23.46 15.04 5.77
CA ASP B 62 24.07 14.43 4.59
C ASP B 62 23.08 14.20 3.45
N GLY B 63 21.85 14.66 3.59
CA GLY B 63 20.86 14.54 2.53
C GLY B 63 20.55 13.14 2.07
N SER B 64 20.62 12.16 2.97
CA SER B 64 20.42 10.76 2.62
C SER B 64 19.30 10.15 3.45
N TYR B 65 18.66 9.16 2.89
CA TYR B 65 17.60 8.46 3.60
C TYR B 65 18.18 7.53 4.66
N GLY B 66 19.15 6.71 4.28
CA GLY B 66 19.66 5.71 5.18
C GLY B 66 20.02 4.43 4.46
N SER B 67 21.31 4.22 4.28
CA SER B 67 21.80 2.96 3.75
C SER B 67 22.84 2.41 4.70
N LEU B 68 23.03 1.09 4.61
CA LEU B 68 23.92 0.36 5.48
C LEU B 68 25.18 0.01 4.72
N ASN B 69 26.30 0.24 5.36
CA ASN B 69 27.62 -0.21 4.89
C ASN B 69 27.77 -1.66 5.35
N LYS B 70 27.51 -2.61 4.46
CA LYS B 70 27.46 -4.01 4.88
C LYS B 70 28.75 -4.41 5.57
N LEU B 71 29.87 -3.80 5.18
CA LEU B 71 31.16 -4.18 5.71
C LEU B 71 31.39 -3.62 7.12
N THR B 72 31.23 -2.31 7.28
CA THR B 72 31.57 -1.64 8.54
C THR B 72 30.43 -1.59 9.52
N GLY B 73 29.21 -1.97 9.12
CA GLY B 73 28.05 -1.83 9.98
C GLY B 73 27.59 -0.40 10.14
N GLU B 74 28.02 0.48 9.26
CA GLU B 74 27.80 1.91 9.43
C GLU B 74 26.60 2.33 8.62
N TRP B 75 25.72 3.09 9.27
CA TRP B 75 24.55 3.71 8.67
C TRP B 75 24.81 5.18 8.37
N ASN B 76 24.11 5.71 7.35
CA ASN B 76 24.08 7.15 7.06
C ASN B 76 22.63 7.64 7.16
N GLY B 77 22.44 8.90 6.75
CA GLY B 77 21.13 9.49 6.59
C GLY B 77 20.29 9.65 7.85
N MET B 78 18.98 9.65 7.61
N MET B 78 18.98 9.68 7.62
CA MET B 78 18.02 9.81 8.70
CA MET B 78 18.01 9.81 8.71
C MET B 78 18.08 8.65 9.68
C MET B 78 18.08 8.65 9.68
N ILE B 79 18.35 7.44 9.18
CA ILE B 79 18.49 6.26 10.06
C ILE B 79 19.59 6.52 11.09
N ARG B 80 20.76 6.97 10.60
CA ARG B 80 21.85 7.27 11.53
C ARG B 80 21.39 8.23 12.62
N GLU B 81 20.67 9.28 12.22
CA GLU B 81 20.21 10.31 13.16
C GLU B 81 19.34 9.71 14.28
N LEU B 82 18.46 8.76 13.94
CA LEU B 82 17.71 8.09 14.99
C LEU B 82 18.61 7.27 15.90
N LEU B 83 19.49 6.47 15.29
CA LEU B 83 20.33 5.56 16.05
C LEU B 83 21.27 6.33 16.98
N GLU B 84 21.72 7.51 16.55
CA GLU B 84 22.61 8.32 17.38
C GLU B 84 21.84 9.17 18.39
N GLN B 85 20.52 9.02 18.49
CA GLN B 85 19.66 9.78 19.40
C GLN B 85 19.59 11.29 19.10
N ARG B 86 19.89 11.73 17.89
CA ARG B 86 19.75 13.12 17.52
C ARG B 86 18.37 13.44 16.95
N ALA B 87 17.54 12.43 16.71
CA ALA B 87 16.18 12.68 16.25
C ALA B 87 15.30 11.62 16.90
N ASP B 88 14.08 12.02 17.23
CA ASP B 88 13.10 11.14 17.84
C ASP B 88 12.21 10.45 16.84
N LEU B 89 12.02 11.09 15.70
CA LEU B 89 11.14 10.62 14.64
C LEU B 89 11.78 11.01 13.33
N ALA B 90 11.66 10.13 12.35
CA ALA B 90 11.98 10.43 10.97
C ALA B 90 10.69 10.36 10.19
N ILE B 91 10.29 11.50 9.60
CA ILE B 91 9.04 11.60 8.88
C ILE B 91 9.36 12.15 7.49
N ALA B 92 9.19 11.32 6.48
CA ALA B 92 9.65 11.60 5.13
C ALA B 92 9.10 10.53 4.18
N ASP B 93 9.43 10.67 2.90
CA ASP B 93 9.21 9.59 1.93
C ASP B 93 10.28 8.51 2.13
N LEU B 94 10.19 7.85 3.30
CA LEU B 94 11.17 6.88 3.78
C LEU B 94 10.54 5.49 3.76
N THR B 95 11.13 4.60 2.97
CA THR B 95 10.54 3.29 2.74
C THR B 95 10.84 2.34 3.89
N ILE B 96 9.83 1.58 4.29
CA ILE B 96 10.06 0.50 5.23
C ILE B 96 10.75 -0.65 4.51
N THR B 97 11.96 -1.01 4.96
CA THR B 97 12.72 -2.07 4.32
C THR B 97 13.25 -3.02 5.38
N PHE B 98 13.57 -4.21 4.93
CA PHE B 98 14.09 -5.24 5.84
C PHE B 98 15.37 -4.77 6.53
N GLU B 99 16.30 -4.23 5.76
CA GLU B 99 17.57 -3.79 6.33
C GLU B 99 17.39 -2.71 7.40
N ARG B 100 16.54 -1.71 7.10
CA ARG B 100 16.29 -0.66 8.08
C ARG B 100 15.55 -1.18 9.31
N GLU B 101 14.58 -2.10 9.14
CA GLU B 101 13.82 -2.56 10.31
C GLU B 101 14.69 -3.44 11.20
N GLN B 102 15.88 -3.88 10.78
CA GLN B 102 16.79 -4.54 11.71
C GLN B 102 17.45 -3.55 12.67
N ALA B 103 17.46 -2.27 12.35
CA ALA B 103 18.12 -1.22 13.13
C ALA B 103 17.17 -0.29 13.83
N VAL B 104 16.03 0.04 13.21
CA VAL B 104 15.07 0.97 13.79
C VAL B 104 13.67 0.36 13.73
N ASP B 105 12.72 1.03 14.35
CA ASP B 105 11.32 0.61 14.27
C ASP B 105 10.57 1.51 13.31
N PHE B 106 9.48 0.99 12.76
CA PHE B 106 8.59 1.74 11.87
C PHE B 106 7.18 1.65 12.41
N THR B 107 6.41 2.72 12.21
CA THR B 107 4.97 2.66 12.37
C THR B 107 4.37 1.84 11.25
N THR B 108 3.07 1.57 11.41
CA THR B 108 2.29 1.13 10.27
C THR B 108 2.38 2.20 9.16
N PRO B 109 2.15 1.83 7.90
CA PRO B 109 2.35 2.80 6.82
C PRO B 109 1.36 3.96 6.88
N PHE B 110 1.81 5.12 6.45
CA PHE B 110 0.90 6.24 6.13
C PHE B 110 0.71 6.41 4.62
N MET B 111 1.54 5.77 3.79
CA MET B 111 1.37 5.83 2.34
C MET B 111 1.91 4.54 1.74
N ASN B 112 1.22 4.03 0.72
CA ASN B 112 1.64 2.86 -0.03
C ASN B 112 2.06 3.21 -1.46
N LEU B 113 2.91 2.37 -2.05
CA LEU B 113 3.49 2.72 -3.35
C LEU B 113 4.17 1.51 -3.97
N GLY B 114 4.73 1.70 -5.16
CA GLY B 114 5.54 0.68 -5.78
C GLY B 114 6.23 1.25 -6.99
N VAL B 115 7.25 0.53 -7.47
CA VAL B 115 7.89 0.94 -8.73
C VAL B 115 6.85 0.96 -9.84
N SER B 116 6.88 1.99 -10.71
CA SER B 116 6.04 1.96 -11.92
C SER B 116 6.74 2.70 -13.04
N ILE B 117 6.03 2.89 -14.16
CA ILE B 117 6.59 3.43 -15.40
C ILE B 117 5.98 4.79 -15.70
N LEU B 118 6.84 5.78 -15.95
CA LEU B 118 6.45 7.09 -16.47
C LEU B 118 6.74 7.10 -17.98
N TYR B 119 5.71 7.37 -18.79
CA TYR B 119 5.83 7.32 -20.25
C TYR B 119 4.95 8.41 -20.87
N ARG B 120 4.91 8.49 -22.21
CA ARG B 120 4.02 9.42 -22.88
C ARG B 120 2.64 8.81 -23.02
N LYS B 121 1.65 9.67 -23.04
CA LYS B 121 0.27 9.25 -23.15
C LYS B 121 -0.04 8.74 -24.56
N GLY B 122 -1.01 7.84 -24.66
CA GLY B 122 -1.58 7.46 -25.94
C GLY B 122 -0.71 6.58 -26.83
N THR B 123 -0.10 5.55 -26.26
CA THR B 123 0.67 4.57 -27.02
C THR B 123 0.04 3.19 -26.86
N PRO B 124 0.54 2.18 -27.56
CA PRO B 124 0.12 0.80 -27.30
C PRO B 124 0.82 0.13 -26.13
N ILE B 125 1.80 0.76 -25.49
CA ILE B 125 2.55 0.15 -24.40
C ILE B 125 1.67 0.16 -23.16
N GLU B 126 1.46 -1.03 -22.58
CA GLU B 126 0.52 -1.21 -21.48
C GLU B 126 1.12 -1.78 -20.21
N SER B 127 2.39 -2.20 -20.24
CA SER B 127 2.94 -2.97 -19.13
C SER B 127 4.46 -3.04 -19.26
N ALA B 128 5.09 -3.32 -18.11
CA ALA B 128 6.51 -3.64 -18.12
C ALA B 128 6.81 -4.73 -19.14
N GLU B 129 5.91 -5.69 -19.29
CA GLU B 129 6.18 -6.80 -20.20
C GLU B 129 6.26 -6.32 -21.65
N ASP B 130 5.40 -5.36 -22.02
CA ASP B 130 5.48 -4.76 -23.35
C ASP B 130 6.81 -4.04 -23.57
N LEU B 131 7.40 -3.50 -22.52
CA LEU B 131 8.72 -2.88 -22.65
C LEU B 131 9.81 -3.94 -22.82
N ALA B 132 9.73 -5.02 -22.06
CA ALA B 132 10.86 -5.94 -21.96
C ALA B 132 11.06 -6.75 -23.24
N LYS B 133 9.97 -7.11 -23.91
CA LYS B 133 10.01 -7.90 -25.13
C LYS B 133 10.35 -7.08 -26.37
N GLN B 134 10.73 -5.81 -26.21
CA GLN B 134 11.05 -4.97 -27.36
C GLN B 134 12.33 -4.19 -27.06
N THR B 135 12.84 -3.49 -28.09
CA THR B 135 14.13 -2.81 -27.98
C THR B 135 14.13 -1.35 -28.41
N ARG B 136 13.09 -0.89 -29.11
CA ARG B 136 13.09 0.47 -29.64
C ARG B 136 13.00 1.49 -28.53
N ILE B 137 12.09 1.28 -27.59
CA ILE B 137 11.92 2.19 -26.46
C ILE B 137 12.99 1.85 -25.43
N LYS B 138 13.85 2.82 -25.11
CA LYS B 138 14.79 2.68 -24.01
C LYS B 138 14.11 3.07 -22.69
N TYR B 139 14.65 2.56 -21.58
CA TYR B 139 14.09 2.91 -20.28
C TYR B 139 15.20 2.90 -19.25
N GLY B 140 15.06 3.76 -18.23
CA GLY B 140 16.06 3.85 -17.20
C GLY B 140 15.54 4.36 -15.86
N ALA B 141 16.45 4.75 -14.98
CA ALA B 141 16.12 5.13 -13.61
C ALA B 141 17.14 6.12 -13.09
N LEU B 142 16.82 6.73 -11.96
CA LEU B 142 17.76 7.59 -11.24
C LEU B 142 18.99 6.79 -10.86
N LYS B 143 20.17 7.26 -11.27
CA LYS B 143 21.38 6.48 -10.96
C LYS B 143 21.56 6.35 -9.46
N GLY B 144 21.82 5.12 -9.01
CA GLY B 144 22.02 4.86 -7.60
C GLY B 144 20.84 5.15 -6.71
N GLY B 145 19.62 5.20 -7.28
CA GLY B 145 18.42 5.37 -6.50
C GLY B 145 17.81 4.03 -6.11
N SER B 146 16.69 4.11 -5.37
CA SER B 146 16.05 2.90 -4.89
C SER B 146 15.37 2.12 -6.02
N THR B 147 14.93 2.80 -7.09
CA THR B 147 14.36 2.03 -8.21
C THR B 147 15.45 1.23 -8.92
N ALA B 148 16.59 1.86 -9.21
CA ALA B 148 17.71 1.14 -9.81
C ALA B 148 18.09 -0.09 -8.98
N ALA B 149 18.11 0.05 -7.65
CA ALA B 149 18.44 -1.08 -6.79
C ALA B 149 17.45 -2.23 -6.93
N PHE B 150 16.16 -1.93 -6.97
CA PHE B 150 15.14 -2.96 -7.13
C PHE B 150 15.40 -3.83 -8.36
N PHE B 151 15.74 -3.21 -9.48
CA PHE B 151 15.93 -3.98 -10.72
C PHE B 151 17.20 -4.79 -10.63
N ARG B 152 18.24 -4.19 -10.05
CA ARG B 152 19.52 -4.87 -9.87
C ARG B 152 19.34 -6.22 -9.18
N ASP B 153 18.53 -6.24 -8.10
CA ASP B 153 18.39 -7.41 -7.23
C ASP B 153 17.21 -8.29 -7.56
N SER B 154 16.33 -7.89 -8.47
CA SER B 154 15.19 -8.73 -8.76
C SER B 154 15.63 -10.03 -9.44
N LYS B 155 14.88 -11.10 -9.14
CA LYS B 155 15.09 -12.41 -9.76
C LYS B 155 13.82 -12.84 -10.48
N ILE B 156 12.86 -11.94 -10.57
CA ILE B 156 11.76 -12.10 -11.49
C ILE B 156 12.34 -11.93 -12.89
N SER B 157 12.05 -12.89 -13.77
CA SER B 157 12.71 -12.94 -15.07
C SER B 157 12.45 -11.66 -15.86
N THR B 158 11.21 -11.16 -15.81
CA THR B 158 10.90 -9.95 -16.55
C THR B 158 11.81 -8.81 -16.12
N TYR B 159 12.04 -8.64 -14.82
CA TYR B 159 12.82 -7.49 -14.33
C TYR B 159 14.32 -7.74 -14.41
N GLN B 160 14.74 -8.99 -14.30
CA GLN B 160 16.14 -9.32 -14.52
C GLN B 160 16.52 -9.03 -15.98
N ARG B 161 15.62 -9.39 -16.92
CA ARG B 161 15.85 -9.06 -18.33
C ARG B 161 15.87 -7.56 -18.55
N MET B 162 15.05 -6.82 -17.80
CA MET B 162 15.01 -5.37 -17.95
C MET B 162 16.27 -4.71 -17.41
N TRP B 163 16.78 -5.19 -16.27
CA TRP B 163 18.01 -4.61 -15.75
C TRP B 163 19.15 -4.91 -16.73
N SER B 164 19.12 -6.10 -17.32
CA SER B 164 20.12 -6.47 -18.31
C SER B 164 20.13 -5.50 -19.49
N PHE B 165 18.95 -5.23 -20.05
CA PHE B 165 18.76 -4.21 -21.08
C PHE B 165 19.24 -2.84 -20.60
N MET B 166 18.93 -2.47 -19.36
CA MET B 166 19.35 -1.18 -18.83
C MET B 166 20.87 -1.08 -18.73
N GLU B 167 21.55 -2.11 -18.20
CA GLU B 167 23.00 -2.03 -18.04
C GLU B 167 23.72 -2.11 -19.37
N SER B 168 23.14 -2.81 -20.35
CA SER B 168 23.75 -3.00 -21.67
C SER B 168 23.53 -1.84 -22.62
N ALA B 169 22.82 -0.80 -22.20
CA ALA B 169 22.40 0.28 -23.09
C ALA B 169 23.47 1.37 -23.16
N ARG B 170 23.77 1.82 -24.38
CA ARG B 170 24.67 2.96 -24.58
C ARG B 170 24.11 3.93 -25.62
N PRO B 171 24.08 5.23 -25.30
CA PRO B 171 24.54 5.91 -24.09
C PRO B 171 23.64 5.65 -22.86
N SER B 172 23.97 6.24 -21.73
CA SER B 172 23.41 5.79 -20.45
C SER B 172 21.97 6.26 -20.27
N VAL B 173 21.13 5.33 -19.82
CA VAL B 173 19.73 5.60 -19.52
C VAL B 173 19.51 6.04 -18.08
N PHE B 174 20.53 5.95 -17.23
CA PHE B 174 20.36 6.35 -15.85
C PHE B 174 20.55 7.87 -15.77
N THR B 175 19.91 8.48 -14.78
CA THR B 175 19.91 9.94 -14.65
C THR B 175 20.49 10.34 -13.30
N ALA B 176 20.88 11.62 -13.22
CA ALA B 176 21.42 12.18 -11.98
C ALA B 176 20.35 12.83 -11.12
N SER B 177 19.13 12.99 -11.66
CA SER B 177 18.00 13.47 -10.89
C SER B 177 16.74 12.96 -11.57
N ASN B 178 15.63 13.04 -10.84
CA ASN B 178 14.37 12.61 -11.43
C ASN B 178 13.81 13.65 -12.39
N GLY B 179 14.14 14.94 -12.20
CA GLY B 179 13.74 15.93 -13.17
C GLY B 179 14.41 15.72 -14.51
N GLU B 180 15.59 15.10 -14.50
CA GLU B 180 16.27 14.78 -15.75
C GLU B 180 15.59 13.60 -16.44
N GLY B 181 15.14 12.62 -15.67
CA GLY B 181 14.43 11.50 -16.25
C GLY B 181 13.09 11.94 -16.82
N VAL B 182 12.39 12.81 -16.11
CA VAL B 182 11.11 13.31 -16.56
C VAL B 182 11.27 14.07 -17.86
N GLU B 183 12.32 14.88 -17.95
CA GLU B 183 12.61 15.59 -19.19
C GLU B 183 12.90 14.61 -20.32
N ARG B 184 13.68 13.55 -20.04
CA ARG B 184 13.99 12.57 -21.06
C ARG B 184 12.72 11.91 -21.58
N VAL B 185 11.74 11.65 -20.71
CA VAL B 185 10.46 11.16 -21.20
C VAL B 185 9.72 12.23 -21.98
N ALA B 186 9.65 13.44 -21.40
CA ALA B 186 8.86 14.51 -22.00
C ALA B 186 9.36 14.87 -23.40
N LYS B 187 10.67 14.81 -23.62
CA LYS B 187 11.27 15.17 -24.89
C LYS B 187 11.55 13.97 -25.77
N GLY B 188 11.38 12.74 -25.26
CA GLY B 188 11.75 11.57 -26.00
C GLY B 188 10.77 11.11 -27.08
N LYS B 189 9.59 11.70 -27.19
CA LYS B 189 8.65 11.41 -28.28
C LYS B 189 8.32 9.91 -28.33
N GLY B 190 8.34 9.25 -27.18
CA GLY B 190 8.07 7.84 -27.10
C GLY B 190 9.30 6.96 -27.08
N SER B 191 10.49 7.53 -27.30
CA SER B 191 11.70 6.74 -27.31
C SER B 191 12.27 6.43 -25.93
N TYR B 192 11.67 6.97 -24.85
CA TYR B 192 12.23 6.80 -23.51
C TYR B 192 11.13 6.72 -22.47
N ALA B 193 11.27 5.75 -21.57
CA ALA B 193 10.41 5.63 -20.40
C ALA B 193 11.28 5.70 -19.14
N PHE B 194 10.70 6.20 -18.04
CA PHE B 194 11.46 6.38 -16.79
C PHE B 194 10.81 5.60 -15.65
N LEU B 195 11.64 4.91 -14.88
CA LEU B 195 11.20 4.03 -13.80
C LEU B 195 11.44 4.72 -12.47
N MET B 196 10.39 4.84 -11.66
CA MET B 196 10.51 5.47 -10.36
C MET B 196 9.31 5.09 -9.53
N GLU B 197 9.29 5.58 -8.30
CA GLU B 197 8.17 5.30 -7.40
C GLU B 197 6.86 5.86 -7.97
N SER B 198 5.78 5.11 -7.76
CA SER B 198 4.48 5.52 -8.26
C SER B 198 4.04 6.86 -7.68
N THR B 199 4.38 7.14 -6.41
CA THR B 199 4.05 8.42 -5.82
C THR B 199 4.68 9.59 -6.58
N SER B 200 5.96 9.44 -6.94
CA SER B 200 6.66 10.44 -7.76
C SER B 200 6.01 10.57 -9.11
N ILE B 201 5.61 9.46 -9.71
CA ILE B 201 4.96 9.52 -11.02
C ILE B 201 3.66 10.30 -10.92
N GLU B 202 2.83 9.97 -9.93
CA GLU B 202 1.57 10.71 -9.78
C GLU B 202 1.83 12.20 -9.71
N TYR B 203 2.84 12.60 -8.94
CA TYR B 203 3.15 14.01 -8.79
C TYR B 203 3.49 14.63 -10.13
N VAL B 204 4.27 13.90 -10.94
CA VAL B 204 4.66 14.42 -12.25
C VAL B 204 3.47 14.48 -13.18
N THR B 205 2.66 13.42 -13.24
CA THR B 205 1.58 13.43 -14.22
C THR B 205 0.54 14.49 -13.88
N GLU B 206 0.41 14.86 -12.60
CA GLU B 206 -0.50 15.95 -12.22
C GLU B 206 -0.11 17.28 -12.84
N ARG B 207 1.14 17.43 -13.28
CA ARG B 207 1.70 18.68 -13.74
C ARG B 207 2.14 18.64 -15.20
N ASN B 208 2.05 17.50 -15.87
CA ASN B 208 2.54 17.34 -17.23
C ASN B 208 1.51 16.46 -17.94
N CYS B 209 0.53 17.10 -18.60
CA CYS B 209 -0.63 16.38 -19.11
C CYS B 209 -0.29 15.47 -20.29
N GLU B 210 0.92 15.56 -20.85
CA GLU B 210 1.35 14.63 -21.89
C GLU B 210 1.97 13.35 -21.34
N LEU B 211 2.16 13.25 -20.03
CA LEU B 211 2.78 12.08 -19.41
C LEU B 211 1.74 11.24 -18.69
N THR B 212 2.07 9.97 -18.49
CA THR B 212 1.15 9.06 -17.86
C THR B 212 1.92 7.92 -17.22
N GLN B 213 1.30 7.32 -16.21
CA GLN B 213 1.80 6.08 -15.67
C GLN B 213 1.34 4.93 -16.54
N VAL B 214 2.23 3.97 -16.78
CA VAL B 214 1.92 2.83 -17.62
C VAL B 214 1.94 1.59 -16.75
N GLY B 215 0.84 0.86 -16.73
CA GLY B 215 0.77 -0.36 -15.94
C GLY B 215 0.52 -0.08 -14.47
N GLY B 216 0.67 -1.12 -13.68
CA GLY B 216 0.58 -1.01 -12.26
C GLY B 216 1.94 -0.99 -11.61
N MET B 217 2.01 -1.54 -10.42
CA MET B 217 3.23 -1.51 -9.63
C MET B 217 4.03 -2.80 -9.81
N LEU B 218 5.35 -2.64 -9.94
CA LEU B 218 6.25 -3.79 -10.13
C LEU B 218 6.71 -4.39 -8.82
N ASP B 219 6.56 -3.67 -7.72
CA ASP B 219 6.78 -4.17 -6.37
C ASP B 219 5.79 -3.45 -5.47
N THR B 220 5.81 -3.79 -4.17
CA THR B 220 4.89 -3.18 -3.21
C THR B 220 5.64 -2.81 -1.94
N LYS B 221 5.59 -1.53 -1.59
CA LYS B 221 6.23 -1.05 -0.37
C LYS B 221 5.49 0.17 0.16
N SER B 222 5.97 0.67 1.29
CA SER B 222 5.25 1.70 2.02
C SER B 222 6.23 2.66 2.68
N TYR B 223 5.73 3.88 2.95
CA TYR B 223 6.39 4.85 3.78
C TYR B 223 5.81 4.73 5.17
N GLY B 224 6.67 4.60 6.18
CA GLY B 224 6.26 4.79 7.55
C GLY B 224 7.19 5.71 8.30
N ILE B 225 6.72 6.12 9.45
CA ILE B 225 7.51 6.92 10.36
C ILE B 225 8.47 5.98 11.08
N ALA B 226 9.73 6.32 11.04
CA ALA B 226 10.73 5.57 11.78
C ALA B 226 11.05 6.23 13.13
N THR B 227 11.34 5.38 14.11
CA THR B 227 11.63 5.76 15.49
C THR B 227 12.86 4.98 15.92
N PRO B 228 13.57 5.46 16.94
CA PRO B 228 14.61 4.64 17.54
C PRO B 228 14.00 3.31 17.97
N PRO B 229 14.78 2.26 17.98
CA PRO B 229 14.23 0.97 18.33
C PRO B 229 13.65 0.97 19.73
N ASN B 230 12.49 0.34 19.86
CA ASN B 230 11.78 0.23 21.13
C ASN B 230 11.38 1.60 21.68
N SER B 231 11.14 2.56 20.78
CA SER B 231 10.70 3.88 21.21
C SER B 231 9.36 3.81 21.95
N PRO B 232 9.16 4.64 22.97
CA PRO B 232 7.91 4.61 23.73
C PRO B 232 6.74 5.32 23.06
N TYR B 233 6.94 5.83 21.84
CA TYR B 233 5.94 6.61 21.14
C TYR B 233 5.41 5.94 19.88
N ARG B 234 6.03 4.83 19.42
CA ARG B 234 5.63 4.19 18.17
C ARG B 234 4.17 3.73 18.24
N THR B 235 3.81 3.06 19.32
CA THR B 235 2.48 2.50 19.43
C THR B 235 1.42 3.61 19.47
N ALA B 236 1.71 4.75 20.15
CA ALA B 236 0.74 5.85 20.14
C ALA B 236 0.62 6.47 18.74
N ILE B 237 1.73 6.59 18.01
CA ILE B 237 1.66 7.17 16.69
C ILE B 237 0.92 6.21 15.73
N ASN B 238 1.11 4.89 15.89
CA ASN B 238 0.35 3.92 15.08
C ASN B 238 -1.15 4.16 15.13
N SER B 239 -1.68 4.35 16.32
CA SER B 239 -3.10 4.61 16.46
C SER B 239 -3.51 5.91 15.79
N VAL B 240 -2.66 6.93 15.88
CA VAL B 240 -3.00 8.20 15.25
C VAL B 240 -3.04 8.03 13.74
N ILE B 241 -2.07 7.28 13.19
CA ILE B 241 -2.05 7.14 11.73
C ILE B 241 -3.32 6.44 11.26
N LEU B 242 -3.73 5.38 11.96
CA LEU B 242 -4.93 4.63 11.54
C LEU B 242 -6.20 5.48 11.67
N LYS B 243 -6.27 6.28 12.71
CA LYS B 243 -7.39 7.19 12.88
C LYS B 243 -7.46 8.22 11.76
N LEU B 244 -6.32 8.86 11.46
CA LEU B 244 -6.27 9.84 10.39
C LEU B 244 -6.62 9.19 9.06
N GLN B 245 -6.15 7.96 8.84
CA GLN B 245 -6.42 7.23 7.61
C GLN B 245 -7.90 7.02 7.47
N GLU B 246 -8.53 6.52 8.53
CA GLU B 246 -9.92 6.14 8.49
C GLU B 246 -10.87 7.34 8.41
N GLU B 247 -10.48 8.49 8.96
CA GLU B 247 -11.24 9.73 8.88
C GLU B 247 -11.14 10.42 7.54
N GLY B 248 -10.22 9.96 6.69
CA GLY B 248 -9.93 10.57 5.41
C GLY B 248 -8.92 11.71 5.44
N LYS B 249 -8.28 11.97 6.58
CA LYS B 249 -7.39 13.13 6.66
C LYS B 249 -6.13 12.92 5.82
N LEU B 250 -5.61 11.69 5.76
CA LEU B 250 -4.44 11.41 4.91
C LEU B 250 -4.78 11.51 3.42
N HIS B 251 -5.99 11.14 3.05
CA HIS B 251 -6.42 11.28 1.68
C HIS B 251 -6.51 12.75 1.29
N ILE B 252 -7.03 13.61 2.20
CA ILE B 252 -7.11 15.04 1.97
C ILE B 252 -5.72 15.65 1.81
N LEU B 253 -4.79 15.23 2.67
CA LEU B 253 -3.41 15.71 2.59
C LEU B 253 -2.77 15.32 1.28
N LYS B 254 -3.04 14.11 0.79
CA LYS B 254 -2.48 13.71 -0.47
C LYS B 254 -3.08 14.54 -1.62
N THR B 255 -4.41 14.67 -1.65
CA THR B 255 -5.05 15.54 -2.64
C THR B 255 -4.49 16.96 -2.59
N LYS B 256 -4.37 17.53 -1.39
CA LYS B 256 -3.81 18.86 -1.23
C LYS B 256 -2.43 19.01 -1.88
N TRP B 257 -1.50 18.08 -1.59
CA TRP B 257 -0.13 18.28 -2.01
C TRP B 257 0.14 17.75 -3.41
N TRP B 258 -0.64 16.81 -3.90
CA TRP B 258 -0.41 16.28 -5.22
C TRP B 258 -1.20 17.02 -6.28
N LYS B 259 -2.36 17.54 -5.93
CA LYS B 259 -3.25 18.11 -6.92
C LYS B 259 -3.49 19.60 -6.76
N GLU B 260 -3.39 20.16 -5.55
CA GLU B 260 -3.78 21.54 -5.33
C GLU B 260 -2.56 22.46 -5.28
N LYS B 261 -1.65 22.23 -4.36
CA LYS B 261 -0.50 23.07 -4.17
C LYS B 261 0.49 22.91 -5.32
N ARG B 262 1.36 23.91 -5.50
CA ARG B 262 2.48 23.73 -6.41
C ARG B 262 3.67 24.56 -5.97
#